data_1D6W
#
_entry.id   1D6W
#
_cell.length_a   71.430
_cell.length_b   71.670
_cell.length_c   72.450
_cell.angle_alpha   90.00
_cell.angle_beta   101.00
_cell.angle_gamma   90.00
#
_symmetry.space_group_name_H-M   'C 1 2 1'
#
loop_
_entity.id
_entity.type
_entity.pdbx_description
1 polymer THROMBIN
2 polymer 'DECAPEPTIDE INHIBITOR'
3 non-polymer 'SODIUM ION'
4 non-polymer (5S)-N-[trans-4-(2-amino-1H-imidazol-5-yl)cyclohexyl]-1,3-dioxo-2-[2-(phenylsulfonyl)ethyl]-2,3,5,8-tetrahydro-1H-[1,2,4]triazolo[1,2-a]pyridazine-5-carboxamide
5 water water
#
loop_
_entity_poly.entity_id
_entity_poly.type
_entity_poly.pdbx_seq_one_letter_code
_entity_poly.pdbx_strand_id
1 'polypeptide(L)'
;ADCGLRPLFEKKSLEDKTERELLESYIDGRIVEGSDAEIGMSPWQVMLFRKSPQELLCGASLISDRWVLTAAHCLLYPPW
DKNFTENDLLVRIGKHSRTRYERNIEKISMLEKIYIHPRYNWRENLDRDIALMKLKKPVAFSDYIHPVCLPDRETAASLL
QAGYKGRVTGWGNLKETWTANVGKGQPSVLQVVNLPIVERPVCKDSTRIRITDNMFCAGYKPDEGKRGDACEGDSGGPFV
MKSPFNNRWYQMGIVSWGEGCDRDGKYGFYTHVFRLKKWIQKVIDQF
;
A
2 'polypeptide(L)' DFEEIPEE(TYS)L I
#
loop_
_chem_comp.id
_chem_comp.type
_chem_comp.name
_chem_comp.formula
00R peptide-like (5S)-N-[trans-4-(2-amino-1H-imidazol-5-yl)cyclohexyl]-1,3-dioxo-2-[2-(phenylsulfonyl)ethyl]-2,3,5,8-tetrahydro-1H-[1,2,4]triazolo[1,2-a]pyridazine-5-carboxamide 'C24 H29 N7 O5 S'
NA non-polymer 'SODIUM ION' 'Na 1'
#
# COMPACT_ATOMS: atom_id res chain seq x y z
N ALA A 1 -17.91 -1.93 5.03
CA ALA A 1 -19.04 -2.64 5.65
C ALA A 1 -18.61 -4.04 6.15
N ASP A 2 -18.01 -4.64 5.11
CA ASP A 2 -17.38 -5.96 5.12
C ASP A 2 -15.84 -5.83 5.02
N CYS A 3 -15.44 -4.57 4.96
CA CYS A 3 -14.03 -4.19 4.84
C CYS A 3 -13.17 -4.86 5.91
N GLY A 4 -11.98 -5.20 5.49
CA GLY A 4 -10.90 -5.74 6.27
C GLY A 4 -11.09 -7.09 6.89
N LEU A 5 -12.12 -7.82 6.45
CA LEU A 5 -12.31 -9.21 6.91
C LEU A 5 -12.01 -10.11 5.69
N ARG A 6 -10.89 -10.78 5.74
CA ARG A 6 -10.44 -11.56 4.55
C ARG A 6 -11.22 -12.87 4.49
N PRO A 7 -11.75 -13.13 3.31
CA PRO A 7 -12.54 -14.35 3.07
C PRO A 7 -11.83 -15.59 3.52
N LEU A 8 -10.49 -15.69 3.35
CA LEU A 8 -9.72 -16.92 3.64
C LEU A 8 -9.17 -16.98 5.04
N PHE A 9 -9.24 -15.90 5.78
CA PHE A 9 -8.69 -15.92 7.16
C PHE A 9 -9.78 -15.50 8.15
N GLU A 10 -10.04 -14.21 8.38
CA GLU A 10 -11.01 -13.79 9.38
C GLU A 10 -12.35 -14.52 9.29
N LYS A 11 -12.95 -14.52 8.13
CA LYS A 11 -14.19 -15.15 7.78
C LYS A 11 -14.24 -16.64 8.14
N LYS A 12 -13.15 -17.38 8.03
CA LYS A 12 -13.16 -18.81 8.32
C LYS A 12 -12.42 -19.07 9.59
N SER A 13 -12.14 -17.95 10.24
CA SER A 13 -11.45 -17.97 11.54
C SER A 13 -10.07 -18.60 11.41
N LEU A 14 -9.38 -18.23 10.30
CA LEU A 14 -8.03 -18.73 10.13
C LEU A 14 -7.06 -17.53 10.28
N GLU A 15 -5.93 -17.78 10.86
CA GLU A 15 -4.87 -16.79 11.05
C GLU A 15 -3.76 -16.98 10.02
N ASP A 16 -3.22 -15.89 9.53
CA ASP A 16 -2.11 -15.93 8.59
C ASP A 16 -0.91 -16.16 9.49
N LYS A 17 0.16 -16.52 8.80
CA LYS A 17 1.36 -16.95 9.55
C LYS A 17 2.05 -15.89 10.34
N THR A 18 1.81 -14.61 10.13
CA THR A 18 2.61 -13.67 10.96
C THR A 18 1.65 -12.71 11.64
N GLU A 19 0.34 -12.81 11.50
CA GLU A 19 -0.46 -11.77 12.18
C GLU A 19 -0.22 -11.70 13.67
N ARG A 20 0.08 -12.80 14.35
CA ARG A 20 0.27 -12.78 15.82
C ARG A 20 1.30 -11.73 16.26
N GLU A 21 2.31 -11.58 15.45
CA GLU A 21 3.39 -10.59 15.54
C GLU A 21 2.83 -9.17 15.57
N LEU A 22 1.92 -8.82 14.70
CA LEU A 22 1.21 -7.54 14.77
C LEU A 22 0.53 -7.40 16.15
N LEU A 23 -0.40 -8.31 16.40
CA LEU A 23 -1.28 -8.33 17.56
C LEU A 23 -0.50 -8.33 18.85
N GLU A 24 0.64 -9.00 18.79
CA GLU A 24 1.49 -9.07 19.99
C GLU A 24 2.21 -7.78 20.28
N SER A 25 2.30 -6.89 19.31
CA SER A 25 2.97 -5.61 19.47
C SER A 25 2.00 -4.56 20.01
N TYR A 26 0.72 -4.82 19.85
CA TYR A 26 -0.30 -3.82 20.25
C TYR A 26 -0.45 -4.02 21.75
N ILE A 27 0.63 -4.57 22.22
CA ILE A 27 0.81 -5.07 23.61
C ILE A 27 -0.20 -6.18 23.90
N ASP A 28 -0.25 -7.13 22.98
CA ASP A 28 -0.97 -8.36 22.75
C ASP A 28 -2.42 -8.05 22.33
N ILE A 31 9.78 -5.35 -1.52
CA ILE A 31 10.00 -5.55 -0.10
C ILE A 31 11.40 -6.16 0.06
N VAL A 32 12.15 -5.60 0.99
CA VAL A 32 13.45 -6.14 1.43
C VAL A 32 13.30 -6.85 2.77
N GLU A 33 13.74 -8.10 2.77
CA GLU A 33 13.71 -8.98 3.97
C GLU A 33 12.29 -9.36 4.37
N GLY A 34 11.45 -9.55 3.41
CA GLY A 34 10.08 -10.01 3.67
C GLY A 34 10.04 -11.52 3.41
N SER A 35 8.84 -12.02 3.33
CA SER A 35 8.58 -13.43 3.02
C SER A 35 7.42 -13.44 2.03
N ASP A 36 7.23 -14.55 1.35
CA ASP A 36 6.12 -14.64 0.41
C ASP A 36 4.82 -14.58 1.20
N ALA A 37 3.88 -13.84 0.67
CA ALA A 37 2.55 -13.73 1.26
C ALA A 37 1.79 -15.02 0.96
N GLU A 38 0.84 -15.34 1.80
CA GLU A 38 -0.01 -16.51 1.59
C GLU A 38 -1.12 -16.10 0.63
N ILE A 39 -1.69 -17.07 -0.03
CA ILE A 39 -2.79 -16.79 -0.96
C ILE A 39 -3.93 -16.12 -0.17
N GLY A 40 -4.41 -15.02 -0.73
CA GLY A 40 -5.54 -14.22 -0.19
C GLY A 40 -5.21 -13.56 1.17
N MET A 41 -3.93 -13.32 1.39
CA MET A 41 -3.45 -12.72 2.65
C MET A 41 -3.68 -11.19 2.66
N SER A 42 -3.59 -10.61 1.47
CA SER A 42 -3.76 -9.17 1.23
C SER A 42 -4.74 -8.97 0.08
N PRO A 43 -6.03 -9.31 0.26
CA PRO A 43 -7.01 -9.25 -0.82
C PRO A 43 -7.21 -7.87 -1.41
N TRP A 44 -6.75 -6.85 -0.70
CA TRP A 44 -6.93 -5.45 -1.15
C TRP A 44 -5.73 -4.94 -1.95
N GLN A 45 -4.68 -5.72 -1.97
CA GLN A 45 -3.46 -5.36 -2.71
C GLN A 45 -3.82 -5.25 -4.20
N VAL A 46 -3.47 -4.12 -4.77
CA VAL A 46 -3.74 -3.84 -6.19
C VAL A 46 -2.43 -3.54 -6.89
N MET A 47 -2.35 -3.90 -8.15
CA MET A 47 -1.14 -3.63 -8.92
C MET A 47 -1.43 -2.54 -9.95
N LEU A 48 -0.63 -1.48 -9.89
CA LEU A 48 -0.71 -0.40 -10.88
C LEU A 48 0.14 -0.84 -12.06
N PHE A 49 -0.51 -1.06 -13.17
CA PHE A 49 0.13 -1.58 -14.36
C PHE A 49 0.12 -0.55 -15.50
N ARG A 50 1.33 -0.55 -16.09
CA ARG A 50 1.54 0.29 -17.29
C ARG A 50 1.17 -0.47 -18.55
N LYS A 51 0.35 0.18 -19.36
CA LYS A 51 -0.11 -0.47 -20.61
C LYS A 51 1.04 -0.68 -21.60
N SER A 52 1.82 0.38 -21.77
CA SER A 52 2.88 0.37 -22.77
C SER A 52 4.11 1.23 -22.51
N PRO A 53 5.27 0.64 -22.31
CA PRO A 53 5.53 -0.80 -22.24
C PRO A 53 4.70 -1.41 -21.12
N GLN A 54 4.59 -2.72 -21.05
CA GLN A 54 3.74 -3.35 -20.00
C GLN A 54 4.63 -3.55 -18.78
N GLU A 55 4.39 -2.75 -17.74
CA GLU A 55 5.26 -2.85 -16.54
C GLU A 55 4.51 -2.47 -15.27
N LEU A 56 4.95 -3.01 -14.14
CA LEU A 56 4.39 -2.67 -12.84
C LEU A 56 4.83 -1.22 -12.55
N LEU A 57 3.88 -0.35 -12.30
CA LEU A 57 4.15 1.03 -11.87
C LEU A 57 4.31 1.10 -10.36
N CYS A 58 3.33 0.59 -9.61
CA CYS A 58 3.28 0.78 -8.15
C CYS A 58 2.31 -0.22 -7.57
N GLY A 59 2.22 -0.25 -6.25
CA GLY A 59 1.17 -0.99 -5.55
C GLY A 59 -0.03 -0.04 -5.43
N ALA A 60 -1.08 -0.48 -4.77
CA ALA A 60 -2.31 0.34 -4.58
C ALA A 60 -3.21 -0.55 -3.69
N SER A 61 -4.36 0.01 -3.28
CA SER A 61 -5.28 -0.76 -2.42
C SER A 61 -6.72 -0.50 -2.83
N LEU A 62 -7.55 -1.57 -2.64
CA LEU A 62 -8.98 -1.48 -2.98
C LEU A 62 -9.65 -1.01 -1.68
N ILE A 63 -10.39 0.08 -1.74
CA ILE A 63 -11.08 0.60 -0.54
C ILE A 63 -12.59 0.43 -0.68
N SER A 64 -13.06 0.20 -1.87
CA SER A 64 -14.48 -0.12 -2.13
C SER A 64 -14.52 -0.92 -3.45
N ASP A 65 -15.69 -1.13 -4.04
CA ASP A 65 -15.72 -1.90 -5.31
C ASP A 65 -15.39 -1.03 -6.51
N ARG A 66 -15.10 0.30 -6.22
CA ARG A 66 -14.86 1.16 -7.38
C ARG A 66 -13.70 2.13 -7.18
N TRP A 67 -13.07 2.10 -6.02
CA TRP A 67 -12.00 3.07 -5.71
C TRP A 67 -10.74 2.38 -5.20
N VAL A 68 -9.69 2.87 -5.73
CA VAL A 68 -8.31 2.48 -5.44
C VAL A 68 -7.53 3.70 -4.94
N LEU A 69 -6.83 3.44 -3.87
CA LEU A 69 -5.98 4.40 -3.15
C LEU A 69 -4.52 4.08 -3.46
N THR A 70 -3.75 5.11 -3.75
CA THR A 70 -2.32 4.95 -4.06
C THR A 70 -1.59 6.27 -3.80
N ALA A 71 -0.30 6.24 -4.00
CA ALA A 71 0.55 7.43 -3.79
C ALA A 71 0.51 8.30 -5.04
N ALA A 72 0.35 9.58 -4.83
CA ALA A 72 0.24 10.55 -5.93
C ALA A 72 1.49 10.54 -6.81
N HIS A 73 2.63 10.24 -6.20
CA HIS A 73 3.92 10.22 -6.91
C HIS A 73 3.99 9.04 -7.88
N CYS A 74 2.97 8.22 -7.81
CA CYS A 74 2.85 7.04 -8.67
C CYS A 74 2.32 7.48 -10.04
N LEU A 75 1.63 8.61 -10.03
CA LEU A 75 1.00 9.15 -11.25
C LEU A 75 1.64 10.46 -11.71
N LEU A 76 2.12 11.22 -10.76
CA LEU A 76 2.64 12.55 -11.05
C LEU A 76 3.90 12.86 -10.26
N TYR A 77 4.94 13.12 -11.01
CA TYR A 77 6.24 13.53 -10.47
C TYR A 77 6.99 14.27 -11.55
N PRO A 78 6.68 15.55 -11.72
CA PRO A 78 7.23 16.35 -12.80
C PRO A 78 8.76 16.32 -12.85
N PRO A 79 9.56 16.33 -11.77
CA PRO A 79 11.02 16.31 -11.92
C PRO A 79 11.54 15.07 -12.66
N TRP A 80 10.69 14.07 -12.82
CA TRP A 80 11.08 12.83 -13.55
C TRP A 80 10.21 12.61 -14.77
N ASP A 81 9.52 13.69 -15.12
CA ASP A 81 8.62 13.75 -16.28
C ASP A 81 7.57 12.63 -16.20
N LYS A 82 7.09 12.44 -14.99
CA LYS A 82 6.06 11.43 -14.67
C LYS A 82 4.70 12.14 -14.53
N ASN A 83 3.77 11.77 -15.38
CA ASN A 83 2.42 12.39 -15.36
C ASN A 83 1.42 11.52 -16.14
N PHE A 84 0.96 10.49 -15.46
CA PHE A 84 0.04 9.50 -16.05
C PHE A 84 -1.41 9.95 -16.00
N THR A 85 -2.02 9.56 -17.09
CA THR A 85 -3.43 9.78 -17.42
C THR A 85 -4.14 8.44 -17.15
N GLU A 86 -5.47 8.46 -17.06
CA GLU A 86 -6.22 7.22 -16.77
C GLU A 86 -6.12 6.19 -17.91
N ASN A 87 -5.83 6.68 -19.09
CA ASN A 87 -5.74 5.79 -20.26
C ASN A 87 -4.33 5.20 -20.39
N ASP A 88 -3.49 5.61 -19.46
CA ASP A 88 -2.08 5.19 -19.43
C ASP A 88 -1.91 3.92 -18.60
N LEU A 89 -2.85 3.70 -17.69
CA LEU A 89 -2.74 2.58 -16.76
C LEU A 89 -3.97 1.67 -16.75
N LEU A 90 -3.71 0.63 -16.15
CA LEU A 90 -4.52 -0.55 -15.80
C LEU A 90 -4.32 -0.92 -14.33
N VAL A 91 -5.39 -1.30 -13.71
CA VAL A 91 -5.38 -1.71 -12.31
C VAL A 91 -5.67 -3.23 -12.29
N ARG A 92 -4.76 -3.97 -11.66
CA ARG A 92 -4.84 -5.44 -11.57
C ARG A 92 -5.04 -5.86 -10.11
N ILE A 93 -6.20 -6.46 -9.90
CA ILE A 93 -6.71 -6.85 -8.59
C ILE A 93 -6.84 -8.38 -8.44
N GLY A 94 -6.44 -8.84 -7.25
CA GLY A 94 -6.52 -10.25 -6.82
C GLY A 94 -5.28 -11.07 -7.23
N LYS A 95 -4.17 -10.38 -7.40
CA LYS A 95 -2.92 -11.02 -7.86
C LYS A 95 -2.07 -11.56 -6.70
N HIS A 96 -1.27 -12.54 -7.08
CA HIS A 96 -0.30 -13.20 -6.21
C HIS A 96 1.06 -13.20 -6.90
N SER A 97 1.05 -13.75 -8.10
CA SER A 97 2.22 -13.79 -8.98
C SER A 97 2.39 -12.40 -9.60
N ARG A 98 3.61 -11.98 -9.61
CA ARG A 98 4.02 -10.64 -10.06
C ARG A 98 3.88 -10.44 -11.59
N THR A 99 4.27 -11.45 -12.35
CA THR A 99 4.37 -11.31 -13.81
C THR A 99 3.31 -12.09 -14.61
N ARG A 100 2.85 -13.19 -14.11
CA ARG A 100 1.91 -14.03 -14.87
C ARG A 100 0.47 -13.52 -14.71
N TYR A 101 -0.28 -13.69 -15.79
CA TYR A 101 -1.70 -13.32 -15.85
C TYR A 101 -2.50 -14.46 -15.21
N GLU A 102 -2.94 -14.20 -14.00
CA GLU A 102 -3.64 -15.19 -13.17
C GLU A 102 -5.11 -15.32 -13.55
N ARG A 103 -5.26 -16.07 -14.63
CA ARG A 103 -6.53 -16.44 -15.26
C ARG A 103 -7.53 -16.94 -14.23
N ASN A 104 -8.70 -16.35 -14.27
CA ASN A 104 -9.81 -16.73 -13.39
C ASN A 104 -9.56 -16.30 -11.93
N ILE A 105 -8.41 -15.70 -11.64
CA ILE A 105 -8.14 -15.25 -10.25
C ILE A 105 -8.11 -13.71 -10.18
N GLU A 106 -7.31 -13.10 -11.04
CA GLU A 106 -7.18 -11.64 -11.06
C GLU A 106 -8.22 -11.01 -11.97
N LYS A 107 -8.52 -9.77 -11.65
CA LYS A 107 -9.44 -8.95 -12.41
C LYS A 107 -8.67 -7.66 -12.75
N ILE A 108 -8.65 -7.33 -14.03
CA ILE A 108 -7.95 -6.14 -14.55
C ILE A 108 -8.99 -5.07 -14.83
N SER A 109 -8.75 -3.87 -14.34
CA SER A 109 -9.73 -2.80 -14.55
C SER A 109 -9.09 -1.59 -15.20
N MET A 110 -9.99 -0.83 -15.78
CA MET A 110 -9.67 0.44 -16.42
C MET A 110 -10.14 1.56 -15.50
N LEU A 111 -9.46 2.63 -15.61
CA LEU A 111 -9.68 3.81 -14.79
C LEU A 111 -10.63 4.77 -15.49
N GLU A 112 -11.46 5.36 -14.66
CA GLU A 112 -12.43 6.37 -15.10
C GLU A 112 -11.88 7.75 -14.79
N LYS A 113 -11.28 7.86 -13.63
CA LYS A 113 -10.78 9.14 -13.16
C LYS A 113 -9.70 8.98 -12.09
N ILE A 114 -8.72 9.85 -12.23
CA ILE A 114 -7.61 9.97 -11.28
C ILE A 114 -7.80 11.29 -10.51
N TYR A 115 -7.67 11.20 -9.20
CA TYR A 115 -7.81 12.34 -8.30
C TYR A 115 -6.58 12.46 -7.42
N ILE A 116 -5.79 13.48 -7.70
CA ILE A 116 -4.58 13.75 -6.91
C ILE A 116 -4.90 14.79 -5.86
N HIS A 117 -4.25 14.69 -4.72
CA HIS A 117 -4.46 15.70 -3.70
C HIS A 117 -4.05 17.05 -4.30
N PRO A 118 -4.91 18.06 -4.19
CA PRO A 118 -4.64 19.36 -4.78
C PRO A 118 -3.40 19.99 -4.21
N ARG A 119 -3.04 19.56 -3.02
CA ARG A 119 -1.89 20.11 -2.30
C ARG A 119 -0.76 19.12 -2.12
N TYR A 120 -0.73 18.15 -3.01
CA TYR A 120 0.36 17.18 -3.03
C TYR A 120 1.62 18.00 -3.33
N ASN A 121 2.60 17.94 -2.45
CA ASN A 121 3.82 18.76 -2.60
C ASN A 121 4.95 17.98 -3.28
N TRP A 122 4.92 17.92 -4.61
CA TRP A 122 5.97 17.19 -5.37
C TRP A 122 7.24 18.02 -5.51
N ARG A 123 7.11 19.30 -5.25
CA ARG A 123 8.23 20.22 -5.38
C ARG A 123 9.22 20.08 -4.23
N GLU A 124 8.80 19.52 -3.12
CA GLU A 124 9.70 19.49 -1.97
C GLU A 124 9.79 18.14 -1.24
N ASN A 125 8.71 17.73 -0.58
CA ASN A 125 8.83 16.53 0.26
C ASN A 125 7.71 15.48 0.11
N LEU A 126 7.03 15.50 -1.01
CA LEU A 126 5.95 14.51 -1.27
C LEU A 126 4.87 14.56 -0.18
N ASP A 127 4.72 15.72 0.42
CA ASP A 127 3.69 15.91 1.46
C ASP A 127 2.32 15.79 0.77
N ARG A 128 1.46 15.01 1.40
CA ARG A 128 0.11 14.74 0.88
C ARG A 128 0.19 13.91 -0.40
N ASP A 129 1.01 12.90 -0.30
CA ASP A 129 1.26 11.96 -1.40
C ASP A 129 0.13 10.91 -1.40
N ILE A 130 -0.97 11.27 -2.06
CA ILE A 130 -2.16 10.40 -2.12
C ILE A 130 -2.96 10.75 -3.38
N ALA A 131 -3.63 9.76 -3.88
CA ALA A 131 -4.47 9.88 -5.06
C ALA A 131 -5.51 8.77 -5.04
N LEU A 132 -6.63 9.09 -5.62
CA LEU A 132 -7.72 8.15 -5.77
C LEU A 132 -7.90 7.88 -7.26
N MET A 133 -8.27 6.68 -7.56
CA MET A 133 -8.55 6.26 -8.93
C MET A 133 -9.89 5.57 -8.91
N LYS A 134 -10.81 6.05 -9.70
CA LYS A 134 -12.11 5.41 -9.72
C LYS A 134 -12.17 4.56 -10.99
N LEU A 135 -12.54 3.33 -10.75
CA LEU A 135 -12.62 2.28 -11.75
C LEU A 135 -13.78 2.51 -12.68
N LYS A 136 -13.54 2.15 -13.93
CA LYS A 136 -14.56 2.28 -14.96
C LYS A 136 -15.80 1.48 -14.55
N LYS A 137 -15.58 0.36 -13.89
CA LYS A 137 -16.69 -0.48 -13.39
C LYS A 137 -16.32 -1.16 -12.08
N PRO A 138 -17.30 -1.38 -11.21
CA PRO A 138 -17.06 -2.00 -9.94
C PRO A 138 -16.52 -3.38 -10.15
N VAL A 139 -15.55 -3.70 -9.32
CA VAL A 139 -14.94 -5.02 -9.33
C VAL A 139 -15.80 -5.89 -8.43
N ALA A 140 -15.84 -7.16 -8.74
CA ALA A 140 -16.60 -8.10 -7.93
C ALA A 140 -15.66 -8.74 -6.92
N PHE A 141 -16.09 -8.75 -5.69
CA PHE A 141 -15.30 -9.33 -4.61
C PHE A 141 -15.30 -10.84 -4.80
N SER A 142 -14.30 -11.42 -4.22
CA SER A 142 -14.08 -12.85 -4.27
C SER A 142 -13.17 -13.20 -3.11
N ASP A 143 -12.67 -14.40 -3.17
CA ASP A 143 -11.78 -14.94 -2.15
C ASP A 143 -10.42 -14.22 -2.15
N TYR A 144 -10.06 -13.67 -3.29
CA TYR A 144 -8.73 -13.03 -3.50
C TYR A 144 -8.81 -11.50 -3.68
N ILE A 145 -10.03 -11.01 -3.72
CA ILE A 145 -10.35 -9.58 -3.92
C ILE A 145 -11.34 -9.10 -2.87
N HIS A 146 -10.88 -8.21 -2.02
CA HIS A 146 -11.70 -7.71 -0.91
C HIS A 146 -11.13 -6.40 -0.38
N PRO A 147 -11.93 -5.32 -0.19
CA PRO A 147 -11.41 -4.04 0.26
C PRO A 147 -10.91 -4.04 1.70
N VAL A 148 -9.99 -3.12 1.96
CA VAL A 148 -9.45 -2.86 3.30
C VAL A 148 -10.28 -1.72 3.89
N CYS A 149 -10.27 -1.58 5.18
CA CYS A 149 -11.00 -0.49 5.83
C CYS A 149 -10.11 0.74 5.98
N LEU A 150 -10.75 1.88 5.94
CA LEU A 150 -10.08 3.17 6.16
C LEU A 150 -10.26 3.50 7.62
N PRO A 151 -9.25 3.99 8.31
CA PRO A 151 -9.35 4.26 9.73
C PRO A 151 -10.32 5.37 10.04
N ASP A 152 -10.85 5.27 11.23
CA ASP A 152 -11.69 6.32 11.79
C ASP A 152 -10.77 6.96 12.84
N ARG A 153 -11.18 8.08 13.35
CA ARG A 153 -10.36 8.86 14.30
C ARG A 153 -9.86 8.04 15.50
N GLU A 154 -10.71 7.20 16.06
CA GLU A 154 -10.32 6.43 17.26
C GLU A 154 -9.53 5.18 16.88
N THR A 155 -9.65 4.65 15.68
CA THR A 155 -8.79 3.54 15.27
C THR A 155 -7.39 4.11 15.05
N ALA A 156 -7.34 5.20 14.31
CA ALA A 156 -6.06 5.88 14.05
C ALA A 156 -5.34 6.17 15.38
N ALA A 157 -6.11 6.68 16.31
CA ALA A 157 -5.61 7.11 17.63
C ALA A 157 -4.92 5.96 18.42
N SER A 158 -5.61 4.83 18.53
CA SER A 158 -5.11 3.71 19.36
C SER A 158 -4.05 2.80 18.69
N LEU A 159 -3.98 2.77 17.37
CA LEU A 159 -3.05 1.83 16.70
C LEU A 159 -1.76 2.52 16.20
N LEU A 160 -1.90 3.77 15.85
CA LEU A 160 -0.78 4.56 15.31
C LEU A 160 0.15 5.01 16.44
N GLN A 161 0.89 4.05 16.98
CA GLN A 161 1.81 4.30 18.09
C GLN A 161 3.17 3.65 17.85
N ALA A 162 4.20 4.35 18.27
CA ALA A 162 5.58 3.87 18.10
C ALA A 162 5.68 2.51 18.77
N GLY A 163 6.27 1.57 18.06
CA GLY A 163 6.47 0.21 18.59
C GLY A 163 5.43 -0.77 18.02
N TYR A 164 4.27 -0.23 17.65
CA TYR A 164 3.19 -1.03 17.05
C TYR A 164 3.55 -1.34 15.61
N LYS A 165 3.40 -2.59 15.24
CA LYS A 165 3.74 -3.06 13.90
C LYS A 165 2.53 -3.04 12.96
N GLY A 166 2.89 -2.70 11.75
CA GLY A 166 2.00 -2.67 10.59
C GLY A 166 2.62 -3.61 9.57
N ARG A 167 1.91 -3.82 8.51
CA ARG A 167 2.34 -4.74 7.45
C ARG A 167 2.32 -4.02 6.12
N VAL A 168 3.38 -4.20 5.38
CA VAL A 168 3.52 -3.65 4.03
C VAL A 168 3.64 -4.80 3.05
N THR A 169 2.98 -4.67 1.92
CA THR A 169 3.01 -5.71 0.89
C THR A 169 3.34 -5.07 -0.46
N GLY A 170 3.93 -5.86 -1.36
CA GLY A 170 4.28 -5.33 -2.69
C GLY A 170 5.16 -6.29 -3.49
N TRP A 171 5.21 -6.00 -4.78
CA TRP A 171 5.97 -6.79 -5.76
C TRP A 171 7.30 -6.08 -6.08
N GLY A 172 7.59 -5.09 -5.24
CA GLY A 172 8.79 -4.23 -5.37
C GLY A 172 10.10 -5.03 -5.22
N ASN A 173 11.16 -4.33 -5.55
CA ASN A 173 12.52 -4.86 -5.49
C ASN A 173 12.75 -5.55 -4.15
N LEU A 174 13.60 -6.54 -4.22
CA LEU A 174 13.94 -7.36 -3.06
C LEU A 174 15.19 -6.81 -2.35
N LYS A 175 15.84 -5.88 -2.99
CA LYS A 175 17.07 -5.27 -2.45
C LYS A 175 17.26 -3.93 -3.14
N GLU A 176 17.91 -3.01 -2.47
CA GLU A 176 18.12 -1.66 -3.02
C GLU A 176 18.76 -1.74 -4.41
N THR A 177 19.69 -2.66 -4.45
CA THR A 177 20.56 -2.96 -5.58
C THR A 177 20.02 -4.17 -6.43
N GLY A 185 17.00 -7.68 -7.48
CA GLY A 185 16.07 -8.85 -7.14
C GLY A 185 14.60 -8.44 -7.32
N GLN A 186 13.83 -9.32 -7.93
CA GLN A 186 12.38 -9.13 -8.06
C GLN A 186 11.68 -10.43 -7.73
N PRO A 187 10.70 -10.36 -6.85
CA PRO A 187 9.97 -11.53 -6.39
C PRO A 187 9.14 -12.08 -7.49
N SER A 188 8.70 -13.30 -7.35
CA SER A 188 7.80 -13.86 -8.35
C SER A 188 6.39 -13.74 -7.80
N VAL A 189 6.37 -13.64 -6.50
CA VAL A 189 5.13 -13.63 -5.74
C VAL A 189 5.14 -12.47 -4.72
N LEU A 190 3.94 -12.01 -4.42
CA LEU A 190 3.72 -10.90 -3.48
C LEU A 190 4.41 -11.22 -2.15
N GLN A 191 5.22 -10.27 -1.67
CA GLN A 191 6.01 -10.27 -0.44
C GLN A 191 5.30 -9.47 0.68
N VAL A 192 5.57 -9.78 1.93
CA VAL A 192 5.06 -9.13 3.13
C VAL A 192 6.29 -8.85 4.05
N VAL A 193 6.11 -7.89 4.92
CA VAL A 193 7.05 -7.51 5.98
C VAL A 193 6.21 -6.75 7.05
N ASN A 194 6.39 -7.09 8.28
CA ASN A 194 5.78 -6.44 9.45
C ASN A 194 6.82 -5.46 10.00
N LEU A 195 6.48 -4.24 10.13
CA LEU A 195 7.48 -3.23 10.63
C LEU A 195 6.83 -2.44 11.76
N PRO A 196 7.64 -2.03 12.72
CA PRO A 196 7.18 -1.15 13.80
C PRO A 196 7.07 0.30 13.39
N ILE A 197 6.11 1.03 13.90
CA ILE A 197 5.98 2.46 13.67
C ILE A 197 7.15 3.06 14.50
N VAL A 198 7.81 4.09 14.09
CA VAL A 198 8.92 4.71 14.83
C VAL A 198 8.49 6.08 15.37
N GLU A 199 9.02 6.42 16.55
CA GLU A 199 8.74 7.72 17.21
C GLU A 199 9.10 8.83 16.22
N ARG A 200 8.26 9.85 16.15
CA ARG A 200 8.44 10.92 15.15
C ARG A 200 9.80 11.65 15.27
N PRO A 201 10.31 11.94 16.46
CA PRO A 201 11.62 12.57 16.59
C PRO A 201 12.71 11.76 15.91
N VAL A 202 12.66 10.46 16.07
CA VAL A 202 13.65 9.56 15.41
C VAL A 202 13.49 9.66 13.89
N CYS A 203 12.25 9.74 13.44
CA CYS A 203 11.94 9.87 12.00
C CYS A 203 12.64 11.14 11.47
N LYS A 204 12.37 12.22 12.17
CA LYS A 204 12.91 13.56 11.85
C LYS A 204 14.44 13.54 11.81
N ASP A 205 15.07 12.97 12.75
CA ASP A 205 16.52 12.93 12.93
C ASP A 205 17.29 12.07 11.95
N SER A 206 16.57 11.29 11.18
CA SER A 206 17.10 10.35 10.19
C SER A 206 17.18 10.98 8.81
N THR A 207 16.65 12.19 8.64
CA THR A 207 16.66 12.76 7.28
C THR A 207 16.77 14.28 7.36
N ARG A 208 17.10 14.86 6.25
CA ARG A 208 17.25 16.26 5.99
C ARG A 208 15.91 16.76 5.44
N ILE A 209 15.08 15.72 5.04
CA ILE A 209 13.87 16.26 4.40
C ILE A 209 12.90 16.66 5.51
N ARG A 210 12.07 17.63 5.20
CA ARG A 210 11.11 18.16 6.16
C ARG A 210 9.88 17.27 6.25
N ILE A 211 9.78 16.65 7.40
CA ILE A 211 8.70 15.73 7.78
C ILE A 211 7.47 16.52 8.23
N THR A 212 6.29 16.29 7.64
CA THR A 212 5.06 17.00 7.99
C THR A 212 4.20 16.00 8.76
N ASP A 213 3.11 16.47 9.29
CA ASP A 213 2.13 15.64 9.98
C ASP A 213 1.42 14.65 9.06
N ASN A 214 1.38 14.89 7.78
CA ASN A 214 0.77 13.97 6.81
C ASN A 214 1.73 12.80 6.64
N MET A 215 2.68 12.60 7.56
CA MET A 215 3.60 11.46 7.36
C MET A 215 3.89 10.70 8.63
N PHE A 216 4.31 9.47 8.49
CA PHE A 216 4.84 8.68 9.57
C PHE A 216 5.97 7.81 8.96
N CYS A 217 6.89 7.40 9.83
CA CYS A 217 7.97 6.50 9.31
C CYS A 217 7.86 5.18 10.08
N ALA A 218 8.39 4.16 9.42
CA ALA A 218 8.39 2.82 10.02
C ALA A 218 9.66 2.07 9.60
N GLY A 219 10.07 1.17 10.48
CA GLY A 219 11.23 0.32 10.30
C GLY A 219 11.90 0.04 11.62
N TYR A 220 12.80 -0.94 11.62
CA TYR A 220 13.55 -1.24 12.87
C TYR A 220 14.76 -0.27 12.92
N LYS A 221 15.13 0.07 14.09
CA LYS A 221 16.35 0.66 14.64
C LYS A 221 17.58 -0.16 14.26
N PRO A 222 18.70 0.48 13.96
CA PRO A 222 19.85 -0.32 13.60
C PRO A 222 20.22 -1.28 14.69
N ASP A 223 19.79 -0.96 15.90
CA ASP A 223 20.11 -1.75 17.10
C ASP A 223 19.12 -2.92 17.33
N GLU A 224 17.88 -2.68 16.96
CA GLU A 224 16.79 -3.67 17.19
C GLU A 224 17.13 -5.06 16.61
N GLY A 225 17.90 -5.11 15.55
CA GLY A 225 18.38 -6.40 14.98
C GLY A 225 17.33 -7.17 14.16
N LYS A 226 16.40 -6.44 13.60
CA LYS A 226 15.41 -6.97 12.67
C LYS A 226 15.43 -5.99 11.50
N ARG A 227 15.23 -6.48 10.31
CA ARG A 227 15.26 -5.60 9.14
C ARG A 227 13.94 -5.69 8.38
N GLY A 228 13.92 -4.98 7.29
CA GLY A 228 12.78 -4.97 6.40
C GLY A 228 12.43 -3.55 5.97
N ASP A 229 11.88 -3.48 4.77
CA ASP A 229 11.52 -2.17 4.22
C ASP A 229 10.82 -2.39 2.86
N ALA A 230 10.08 -1.38 2.48
CA ALA A 230 9.48 -1.22 1.18
C ALA A 230 10.71 -0.92 0.26
N CYS A 231 10.49 -1.00 -1.04
CA CYS A 231 11.60 -0.70 -1.97
C CYS A 231 10.88 -0.28 -3.26
N GLU A 232 11.74 -0.06 -4.23
CA GLU A 232 11.24 0.32 -5.55
C GLU A 232 10.16 -0.64 -6.04
N GLY A 233 9.10 -0.05 -6.60
CA GLY A 233 7.96 -0.80 -7.11
C GLY A 233 6.88 -1.08 -6.09
N ASP A 234 7.15 -0.82 -4.80
CA ASP A 234 6.23 -1.02 -3.69
C ASP A 234 5.40 0.25 -3.43
N SER A 235 5.84 1.36 -3.93
CA SER A 235 5.28 2.69 -3.87
C SER A 235 3.75 2.57 -4.02
N GLY A 236 3.05 3.42 -3.25
CA GLY A 236 1.59 3.42 -3.38
C GLY A 236 0.88 2.27 -2.72
N GLY A 237 1.62 1.30 -2.23
CA GLY A 237 1.06 0.13 -1.53
C GLY A 237 0.58 0.48 -0.13
N PRO A 238 -0.14 -0.46 0.49
CA PRO A 238 -0.76 -0.23 1.78
C PRO A 238 0.10 -0.61 2.96
N PHE A 239 0.08 0.21 4.01
CA PHE A 239 0.70 -0.14 5.32
C PHE A 239 -0.56 -0.44 6.17
N VAL A 240 -0.72 -1.69 6.63
CA VAL A 240 -2.05 -1.94 7.28
C VAL A 240 -1.80 -2.44 8.65
N MET A 241 -2.88 -2.40 9.42
CA MET A 241 -2.80 -2.89 10.82
C MET A 241 -4.10 -3.66 11.06
N LYS A 242 -4.02 -4.64 11.93
CA LYS A 242 -5.25 -5.35 12.27
C LYS A 242 -5.81 -4.81 13.59
N SER A 243 -7.02 -4.30 13.61
CA SER A 243 -7.57 -3.85 14.92
C SER A 243 -7.83 -5.00 15.86
N PRO A 244 -7.29 -4.88 17.11
CA PRO A 244 -7.46 -6.01 17.99
C PRO A 244 -8.84 -5.93 18.62
N PHE A 245 -9.56 -4.84 18.31
CA PHE A 245 -10.90 -4.59 18.90
C PHE A 245 -12.02 -5.21 18.08
N ASN A 246 -11.89 -5.16 16.77
CA ASN A 246 -12.95 -5.70 15.91
C ASN A 246 -12.43 -6.68 14.84
N ASN A 247 -11.14 -6.94 14.91
CA ASN A 247 -10.46 -7.92 14.05
C ASN A 247 -10.35 -7.53 12.58
N ARG A 248 -10.55 -6.28 12.27
CA ARG A 248 -10.50 -5.85 10.86
C ARG A 248 -9.14 -5.27 10.51
N TRP A 249 -8.84 -5.33 9.24
CA TRP A 249 -7.59 -4.75 8.74
C TRP A 249 -7.91 -3.33 8.29
N TYR A 250 -7.05 -2.44 8.71
CA TYR A 250 -7.17 -1.00 8.42
C TYR A 250 -5.92 -0.52 7.68
N GLN A 251 -6.12 0.34 6.71
CA GLN A 251 -4.95 0.91 6.01
C GLN A 251 -4.56 2.20 6.75
N MET A 252 -3.46 2.23 7.45
CA MET A 252 -3.04 3.47 8.14
C MET A 252 -2.15 4.33 7.26
N GLY A 253 -1.39 3.61 6.40
CA GLY A 253 -0.40 4.29 5.53
C GLY A 253 -0.27 3.93 4.09
N ILE A 254 0.32 4.81 3.29
CA ILE A 254 0.65 4.52 1.87
C ILE A 254 2.17 4.59 1.68
N VAL A 255 2.80 3.64 1.11
CA VAL A 255 4.26 3.65 0.88
C VAL A 255 4.55 4.93 0.09
N SER A 256 5.35 5.76 0.73
CA SER A 256 5.64 7.06 0.12
C SER A 256 7.07 7.19 -0.36
N TRP A 257 7.99 7.37 0.57
CA TRP A 257 9.39 7.63 0.18
C TRP A 257 10.26 7.12 1.27
N GLY A 258 11.52 7.02 0.89
CA GLY A 258 12.53 6.47 1.85
C GLY A 258 13.84 6.69 1.06
N GLU A 259 14.90 6.70 1.79
CA GLU A 259 16.25 6.89 1.17
C GLU A 259 16.92 5.55 1.12
N GLY A 260 16.96 5.00 -0.10
CA GLY A 260 17.50 3.58 -0.24
C GLY A 260 16.36 2.66 0.24
N CYS A 261 16.71 1.40 0.40
CA CYS A 261 15.75 0.41 0.90
C CYS A 261 16.40 -0.28 2.08
N ASP A 262 15.83 -0.24 3.26
CA ASP A 262 16.47 -1.05 4.32
C ASP A 262 17.89 -0.63 4.63
N ARG A 263 18.13 0.66 4.66
CA ARG A 263 19.45 1.13 5.19
C ARG A 263 19.40 1.32 6.69
N ASP A 264 20.53 1.02 7.32
CA ASP A 264 20.67 1.22 8.78
C ASP A 264 20.54 2.70 9.06
N GLY A 265 19.81 3.04 10.10
CA GLY A 265 19.48 4.35 10.53
C GLY A 265 18.55 5.11 9.58
N LYS A 266 17.96 4.49 8.58
CA LYS A 266 16.99 5.11 7.68
C LYS A 266 15.64 4.35 7.80
N TYR A 267 14.54 5.03 7.55
CA TYR A 267 13.20 4.48 7.69
C TYR A 267 12.38 4.73 6.41
N GLY A 268 11.32 3.94 6.32
CA GLY A 268 10.38 4.21 5.18
C GLY A 268 9.39 5.26 5.76
N PHE A 269 8.88 6.03 4.85
CA PHE A 269 7.92 7.11 5.16
C PHE A 269 6.62 6.81 4.42
N TYR A 270 5.53 7.03 5.13
CA TYR A 270 4.18 6.65 4.65
C TYR A 270 3.25 7.82 4.73
N THR A 271 2.35 7.96 3.79
CA THR A 271 1.30 8.99 3.81
C THR A 271 0.31 8.51 4.91
N HIS A 272 0.03 9.48 5.76
CA HIS A 272 -0.84 9.31 6.95
C HIS A 272 -2.28 9.37 6.48
N VAL A 273 -2.82 8.16 6.28
CA VAL A 273 -4.16 8.02 5.65
C VAL A 273 -5.19 8.75 6.50
N PHE A 274 -5.26 8.48 7.80
CA PHE A 274 -6.29 9.22 8.58
C PHE A 274 -6.21 10.72 8.42
N ARG A 275 -5.05 11.36 8.44
CA ARG A 275 -4.96 12.81 8.29
C ARG A 275 -5.63 13.27 7.01
N LEU A 276 -5.60 12.49 5.95
CA LEU A 276 -6.17 12.84 4.67
C LEU A 276 -7.52 12.20 4.36
N LYS A 277 -8.19 11.65 5.34
CA LYS A 277 -9.46 10.97 5.18
C LYS A 277 -10.59 11.91 4.81
N LYS A 278 -10.46 13.15 5.29
CA LYS A 278 -11.48 14.15 4.92
C LYS A 278 -11.40 14.37 3.41
N TRP A 279 -10.20 14.47 2.84
CA TRP A 279 -10.15 14.71 1.40
C TRP A 279 -10.71 13.50 0.65
N ILE A 280 -10.42 12.32 1.17
CA ILE A 280 -10.88 11.06 0.57
C ILE A 280 -12.41 11.02 0.51
N GLN A 281 -13.06 11.25 1.64
CA GLN A 281 -14.54 11.25 1.69
C GLN A 281 -15.12 12.27 0.72
N LYS A 282 -14.55 13.46 0.82
CA LYS A 282 -14.97 14.60 0.02
C LYS A 282 -14.97 14.24 -1.48
N VAL A 283 -13.89 13.67 -2.00
CA VAL A 283 -13.92 13.36 -3.44
C VAL A 283 -14.77 12.13 -3.70
N ILE A 284 -14.97 11.30 -2.63
CA ILE A 284 -15.71 10.08 -2.97
C ILE A 284 -17.20 10.40 -3.15
N ASP A 285 -17.76 11.28 -2.35
CA ASP A 285 -19.19 11.62 -2.56
C ASP A 285 -19.33 13.05 -3.12
N GLN A 286 -18.44 13.36 -4.02
CA GLN A 286 -18.45 14.60 -4.81
C GLN A 286 -18.38 14.16 -6.26
N PHE A 287 -18.11 12.86 -6.40
CA PHE A 287 -17.96 12.23 -7.71
C PHE A 287 -18.30 10.74 -7.68
N ASP B 1 8.93 -8.93 -18.86
CA ASP B 1 9.07 -9.89 -17.72
C ASP B 1 7.70 -10.56 -17.48
N PHE B 2 6.70 -9.81 -17.90
CA PHE B 2 5.27 -10.06 -17.75
C PHE B 2 4.66 -10.94 -18.82
N GLU B 3 3.86 -11.91 -18.37
CA GLU B 3 3.08 -12.73 -19.31
C GLU B 3 2.08 -11.78 -19.96
N GLU B 4 1.82 -11.91 -21.24
CA GLU B 4 0.86 -11.04 -21.93
C GLU B 4 -0.53 -11.12 -21.26
N ILE B 5 -1.23 -9.99 -21.35
CA ILE B 5 -2.60 -9.93 -20.80
C ILE B 5 -3.58 -9.87 -21.96
N PRO B 6 -4.76 -10.41 -21.67
CA PRO B 6 -5.85 -10.41 -22.65
C PRO B 6 -5.91 -9.04 -23.34
N GLU B 7 -5.83 -9.18 -24.66
CA GLU B 7 -5.81 -8.05 -25.59
C GLU B 7 -6.97 -7.12 -25.28
N GLU B 8 -8.11 -7.70 -24.92
CA GLU B 8 -9.28 -6.83 -24.68
C GLU B 8 -9.01 -5.88 -23.53
N TYS B 9 -7.93 -6.12 -22.77
CA TYS B 9 -7.67 -5.19 -21.66
CB TYS B 9 -6.85 -5.92 -20.56
CG TYS B 9 -7.79 -6.90 -19.87
CD1 TYS B 9 -8.99 -6.43 -19.30
CD2 TYS B 9 -7.55 -8.26 -19.96
CE1 TYS B 9 -9.92 -7.33 -18.76
CE2 TYS B 9 -8.46 -9.16 -19.39
CZ TYS B 9 -9.62 -8.67 -18.81
OH TYS B 9 -10.41 -9.61 -18.20
S TYS B 9 -10.09 -10.19 -16.68
O1 TYS B 9 -8.67 -10.36 -16.50
O2 TYS B 9 -10.78 -9.21 -15.90
O3 TYS B 9 -10.67 -11.55 -16.69
C TYS B 9 -7.01 -3.89 -22.10
O TYS B 9 -7.02 -2.91 -21.32
N LEU B 10 -6.51 -3.90 -23.31
CA LEU B 10 -5.83 -2.77 -23.97
C LEU B 10 -6.65 -2.21 -25.13
NA NA C . 16.47 16.17 10.39
NA NA D . 16.24 0.96 7.81
C01 00R E . 9.35 3.69 -3.17
C02 00R E . 10.39 4.82 -3.76
C03 00R E . 11.86 4.31 -3.54
C04 00R E . 12.15 3.66 -2.04
C05 00R E . 10.93 4.14 -1.06
C06 00R E . 9.51 3.64 -1.52
N07 00R E . 13.35 9.97 -3.09
C08 00R E . 13.04 10.71 -4.24
O09 00R E . 13.79 11.49 -4.86
N10 00R E . 11.72 10.43 -4.57
N11 00R E . 11.24 9.51 -3.64
C12 00R E . 12.24 9.24 -2.71
O13 00R E . 12.17 8.46 -1.76
C14 00R E . 10.84 11.26 -5.38
C15 00R E . 9.48 10.62 -5.58
C16 00R E . 9.14 9.52 -4.88
C17 00R E . 9.99 8.80 -3.87
C18 00R E . 10.35 7.35 -4.30
O19 00R E . 10.81 7.02 -5.64
N20 00R E . 10.15 6.18 -3.23
C22 00R E . 11.19 3.72 0.08
N23 00R E . 12.35 3.94 0.83
C24 00R E . 12.22 3.37 2.06
N25 00R E . 11.02 2.82 2.17
C26 00R E . 10.35 3.06 0.87
N27 00R E . 13.24 3.41 2.93
C31 00R E . 14.65 9.90 -2.44
C32 00R E . 15.28 11.25 -2.24
S33 00R E . 14.68 12.11 -0.79
O34 00R E . 14.37 11.05 0.20
O35 00R E . 15.71 13.05 -0.39
C36 00R E . 13.17 12.91 -1.27
C37 00R E . 12.03 12.83 -0.48
C38 00R E . 10.84 13.42 -0.91
C39 00R E . 10.78 14.11 -2.10
C40 00R E . 11.91 14.22 -2.90
C41 00R E . 13.11 13.63 -2.48
#